data_7VTC
#
_entry.id   7VTC
#
_cell.length_a   83.422
_cell.length_b   93.243
_cell.length_c   97.578
_cell.angle_alpha   90.000
_cell.angle_beta   90.000
_cell.angle_gamma   90.000
#
_symmetry.space_group_name_H-M   'P 21 21 21'
#
loop_
_entity.id
_entity.type
_entity.pdbx_description
1 polymer '3C-like proteinase'
2 non-polymer (1R,2S,5S)-N-{(1E,2S)-1-imino-3-[(3S)-2-oxopyrrolidin-3-yl]propan-2-yl}-6,6-dimethyl-3-[3-methyl-N-(trifluoroacetyl)-L-valyl]-3-azabicyclo[3.1.0]hexane-2-carboxamide
3 water water
#
_entity_poly.entity_id   1
_entity_poly.type   'polypeptide(L)'
_entity_poly.pdbx_seq_one_letter_code
;SGLVKMSHPSGDVEACMVQVTCGSMTLNGLWLDNTVWCPRHVMCPADQLSDPNYDALLISMTNHSFSVQKHIGAPANLRV
VGHAMQGTLLKLTVDVANPSTPAYTFTTVKPGAAFSVLACYNGRPTGTFTVVMRPNYTIKGSFLCGSCGSVGYTKEGSVI
NFCYMHQMELANGTHTGSAFDGTMYGAFMDKQVHQVQLTDKYCSVNVVAWLYAAILNGCAWFVKPNRTSVVSFNEWALAN
QFTEFVGTQSVDMLAVKTGVAIEQLLYAIQQLYTGFQGKQILGSTMLEDEFTPEDVNMQIMILGSTMLEDEFTPEDVNMQ
IM
;
_entity_poly.pdbx_strand_id   A,B
#
# COMPACT_ATOMS: atom_id res chain seq x y z
N LEU A 3 5.72 -9.86 -5.51
CA LEU A 3 4.99 -9.76 -4.23
C LEU A 3 5.11 -8.39 -3.59
N VAL A 4 4.09 -7.56 -3.76
CA VAL A 4 4.04 -6.26 -3.14
C VAL A 4 2.85 -6.19 -2.17
N LYS A 5 3.01 -5.44 -1.09
CA LYS A 5 1.90 -5.19 -0.19
C LYS A 5 0.90 -4.31 -0.93
N MET A 6 -0.27 -4.87 -1.22
CA MET A 6 -1.20 -4.31 -2.17
C MET A 6 -2.56 -4.12 -1.51
N SER A 7 -3.21 -2.99 -1.74
CA SER A 7 -4.46 -2.77 -1.02
C SER A 7 -5.55 -2.35 -1.99
N HIS A 8 -6.77 -2.37 -1.47
CA HIS A 8 -7.92 -2.12 -2.32
C HIS A 8 -7.98 -0.65 -2.70
N PRO A 9 -8.31 -0.33 -3.95
CA PRO A 9 -8.54 1.06 -4.32
C PRO A 9 -9.61 1.64 -3.40
N SER A 10 -9.46 2.91 -3.04
CA SER A 10 -10.15 3.43 -1.88
C SER A 10 -11.26 4.41 -2.21
N GLY A 11 -11.48 4.71 -3.49
CA GLY A 11 -12.49 5.69 -3.86
C GLY A 11 -13.84 5.47 -3.18
N ASP A 12 -14.34 4.23 -3.20
CA ASP A 12 -15.61 3.92 -2.54
C ASP A 12 -15.61 4.37 -1.09
N VAL A 13 -14.58 3.99 -0.33
CA VAL A 13 -14.58 4.31 1.09
C VAL A 13 -14.32 5.81 1.32
N GLU A 14 -13.50 6.44 0.47
CA GLU A 14 -13.33 7.90 0.58
C GLU A 14 -14.66 8.64 0.52
N ALA A 15 -15.62 8.12 -0.22
CA ALA A 15 -16.90 8.80 -0.35
C ALA A 15 -17.76 8.67 0.90
N CYS A 16 -17.33 7.88 1.89
CA CYS A 16 -18.08 7.68 3.14
C CYS A 16 -17.42 8.30 4.36
N MET A 17 -16.23 8.89 4.23
CA MET A 17 -15.55 9.44 5.40
C MET A 17 -16.06 10.84 5.71
N VAL A 18 -16.24 11.11 7.00
CA VAL A 18 -16.75 12.40 7.47
C VAL A 18 -16.01 12.75 8.76
N GLN A 19 -16.20 13.98 9.19
CA GLN A 19 -15.64 14.44 10.45
C GLN A 19 -16.76 14.53 11.48
N VAL A 20 -16.60 13.85 12.60
CA VAL A 20 -17.55 13.91 13.72
C VAL A 20 -16.94 14.77 14.81
N THR A 21 -17.77 15.60 15.43
CA THR A 21 -17.29 16.61 16.36
C THR A 21 -18.19 16.66 17.57
N CYS A 22 -17.60 16.64 18.75
CA CYS A 22 -18.39 16.61 19.97
C CYS A 22 -17.71 17.50 20.99
N GLY A 23 -18.35 18.61 21.33
CA GLY A 23 -17.68 19.56 22.19
C GLY A 23 -16.38 19.98 21.54
N SER A 24 -15.27 19.76 22.24
CA SER A 24 -13.96 20.15 21.76
C SER A 24 -13.13 18.95 21.29
N MET A 25 -13.78 17.84 21.01
CA MET A 25 -13.11 16.66 20.49
C MET A 25 -13.57 16.42 19.07
N THR A 26 -12.66 15.93 18.24
CA THR A 26 -12.98 15.71 16.84
C THR A 26 -12.21 14.49 16.35
N LEU A 27 -12.87 13.69 15.51
CA LEU A 27 -12.23 12.53 14.91
C LEU A 27 -13.07 12.09 13.71
N ASN A 28 -12.68 10.96 13.12
CA ASN A 28 -13.30 10.57 11.85
C ASN A 28 -14.48 9.67 12.11
N GLY A 29 -15.38 9.62 11.12
CA GLY A 29 -16.49 8.69 11.15
C GLY A 29 -16.78 8.16 9.76
N LEU A 30 -17.63 7.14 9.72
CA LEU A 30 -18.03 6.47 8.48
C LEU A 30 -19.53 6.67 8.25
N TRP A 31 -19.90 7.12 7.04
CA TRP A 31 -21.26 7.56 6.71
C TRP A 31 -21.91 6.54 5.79
N LEU A 32 -22.75 5.66 6.35
CA LEU A 32 -23.45 4.64 5.58
C LEU A 32 -24.95 4.81 5.76
N ASP A 33 -25.67 4.93 4.65
CA ASP A 33 -27.13 5.09 4.66
C ASP A 33 -27.43 6.29 5.55
N ASN A 34 -28.19 6.13 6.63
CA ASN A 34 -28.49 7.22 7.54
C ASN A 34 -27.68 7.16 8.81
N THR A 35 -26.64 6.34 8.82
CA THR A 35 -25.84 6.13 10.01
C THR A 35 -24.43 6.66 9.81
N VAL A 36 -23.92 7.32 10.84
CA VAL A 36 -22.52 7.66 10.95
C VAL A 36 -21.96 6.91 12.15
N TRP A 37 -20.96 6.06 11.90
CA TRP A 37 -20.27 5.33 12.96
C TRP A 37 -18.98 6.05 13.32
N CYS A 38 -18.59 5.95 14.58
CA CYS A 38 -17.38 6.60 15.05
C CYS A 38 -17.07 6.09 16.45
N PRO A 39 -15.83 6.21 16.91
CA PRO A 39 -15.48 5.70 18.24
C PRO A 39 -16.11 6.54 19.34
N ARG A 40 -16.57 5.87 20.39
CA ARG A 40 -17.35 6.59 21.39
C ARG A 40 -16.50 7.57 22.20
N HIS A 41 -15.18 7.42 22.24
CA HIS A 41 -14.51 8.38 23.12
C HIS A 41 -14.47 9.83 22.56
N VAL A 42 -15.19 10.15 21.47
CA VAL A 42 -15.40 11.55 21.10
C VAL A 42 -16.08 12.31 22.21
N MET A 43 -16.90 11.60 23.01
CA MET A 43 -17.62 12.21 24.11
C MET A 43 -16.75 12.45 25.32
N CYS A 44 -15.58 11.85 25.37
CA CYS A 44 -14.74 11.99 26.55
C CYS A 44 -13.92 13.27 26.46
N PRO A 45 -14.03 14.19 27.42
CA PRO A 45 -13.08 15.32 27.49
C PRO A 45 -11.64 14.85 27.57
N ALA A 46 -10.74 15.64 26.97
CA ALA A 46 -9.31 15.30 26.96
C ALA A 46 -8.79 15.00 28.36
N ASP A 47 -9.19 15.81 29.35
CA ASP A 47 -8.74 15.61 30.71
C ASP A 47 -9.04 14.21 31.22
N GLN A 48 -10.26 13.70 30.95
CA GLN A 48 -10.82 12.58 31.68
C GLN A 48 -10.76 11.25 30.93
N LEU A 49 -9.78 11.07 30.04
CA LEU A 49 -9.66 9.80 29.32
C LEU A 49 -9.19 8.65 30.21
N SER A 50 -8.66 8.95 31.40
CA SER A 50 -7.97 7.96 32.22
C SER A 50 -8.87 6.78 32.59
N ASP A 51 -10.13 7.06 32.91
CA ASP A 51 -11.11 6.00 33.08
C ASP A 51 -12.48 6.65 33.00
N PRO A 52 -13.10 6.66 31.82
CA PRO A 52 -14.35 7.39 31.63
C PRO A 52 -15.61 6.55 31.85
N ASN A 53 -16.72 7.25 32.06
CA ASN A 53 -18.04 6.65 32.25
C ASN A 53 -18.83 6.88 30.97
N TYR A 54 -18.77 5.91 30.05
CA TYR A 54 -19.42 6.14 28.76
C TYR A 54 -20.93 6.13 28.88
N ASP A 55 -21.48 5.44 29.87
CA ASP A 55 -22.92 5.47 30.05
C ASP A 55 -23.40 6.85 30.49
N ALA A 56 -22.71 7.43 31.49
CA ALA A 56 -23.00 8.80 31.89
C ALA A 56 -22.87 9.77 30.71
N LEU A 57 -21.77 9.68 29.95
CA LEU A 57 -21.53 10.61 28.85
C LEU A 57 -22.64 10.56 27.82
N LEU A 58 -23.11 9.37 27.46
CA LEU A 58 -24.20 9.30 26.49
C LEU A 58 -25.46 9.94 27.03
N ILE A 59 -25.68 9.80 28.35
CA ILE A 59 -26.83 10.44 28.99
C ILE A 59 -26.73 11.95 28.88
N SER A 60 -25.54 12.48 29.16
CA SER A 60 -25.34 13.93 29.11
C SER A 60 -25.43 14.51 27.70
N MET A 61 -25.52 13.67 26.66
CA MET A 61 -25.60 14.21 25.31
C MET A 61 -26.96 14.85 25.07
N THR A 62 -26.96 15.95 24.33
CA THR A 62 -28.17 16.68 23.96
C THR A 62 -28.32 16.60 22.44
N ASN A 63 -29.37 17.28 21.93
CA ASN A 63 -29.72 17.17 20.52
C ASN A 63 -28.69 17.78 19.57
N HIS A 64 -27.77 18.60 20.06
CA HIS A 64 -26.77 19.24 19.21
C HIS A 64 -25.37 19.05 19.77
N SER A 65 -25.18 18.00 20.56
CA SER A 65 -23.88 17.68 21.12
C SER A 65 -22.91 17.16 20.07
N PHE A 66 -23.42 16.69 18.94
CA PHE A 66 -22.60 16.13 17.88
C PHE A 66 -22.75 16.97 16.62
N SER A 67 -21.65 17.12 15.90
CA SER A 67 -21.62 17.81 14.63
C SER A 67 -20.89 16.91 13.65
N VAL A 68 -21.42 16.82 12.43
CA VAL A 68 -20.84 15.95 11.41
C VAL A 68 -20.65 16.78 10.16
N GLN A 69 -19.41 16.87 9.68
CA GLN A 69 -19.10 17.55 8.43
C GLN A 69 -18.57 16.55 7.40
N LYS A 70 -18.97 16.74 6.15
CA LYS A 70 -18.43 16.05 4.99
C LYS A 70 -17.59 17.06 4.21
N HIS A 71 -16.27 16.83 4.15
CA HIS A 71 -15.34 17.69 3.44
C HIS A 71 -15.06 17.24 2.01
N ILE A 72 -15.03 15.93 1.80
CA ILE A 72 -14.70 15.31 0.52
C ILE A 72 -15.93 15.30 -0.37
N GLY A 73 -15.72 15.37 -1.69
CA GLY A 73 -16.86 15.44 -2.58
C GLY A 73 -17.61 16.73 -2.35
N ALA A 74 -18.89 16.73 -2.72
CA ALA A 74 -19.74 17.89 -2.46
C ALA A 74 -19.88 18.05 -0.95
N PRO A 75 -19.36 19.12 -0.34
CA PRO A 75 -19.45 19.24 1.11
C PRO A 75 -20.89 19.22 1.58
N ALA A 76 -21.05 19.16 2.90
CA ALA A 76 -22.36 19.14 3.53
C ALA A 76 -22.26 19.20 5.05
N ASN A 77 -23.23 19.86 5.68
CA ASN A 77 -23.48 19.68 7.11
C ASN A 77 -24.63 18.67 7.22
N LEU A 78 -24.38 17.58 7.93
CA LEU A 78 -25.39 16.57 8.21
C LEU A 78 -25.99 16.87 9.57
N ARG A 79 -27.33 16.76 9.67
CA ARG A 79 -28.03 16.97 10.93
C ARG A 79 -28.15 15.65 11.68
N VAL A 80 -27.58 15.59 12.89
CA VAL A 80 -27.76 14.44 13.76
C VAL A 80 -29.17 14.43 14.30
N VAL A 81 -29.84 13.27 14.21
CA VAL A 81 -31.20 13.18 14.75
C VAL A 81 -31.35 12.00 15.70
N GLY A 82 -30.26 11.51 16.29
CA GLY A 82 -30.36 10.40 17.22
C GLY A 82 -29.01 9.77 17.50
N HIS A 83 -28.68 9.55 18.77
CA HIS A 83 -27.40 8.94 19.11
C HIS A 83 -27.60 7.66 19.92
N ALA A 84 -26.97 6.58 19.46
CA ALA A 84 -26.93 5.31 20.14
C ALA A 84 -25.48 4.90 20.36
N MET A 85 -25.25 4.06 21.37
CA MET A 85 -23.95 3.47 21.61
C MET A 85 -24.02 1.97 21.31
N GLN A 86 -22.87 1.39 21.02
CA GLN A 86 -22.82 -0.05 20.73
C GLN A 86 -21.38 -0.49 20.99
N GLY A 87 -21.15 -1.07 22.16
CA GLY A 87 -19.80 -1.35 22.56
C GLY A 87 -19.02 -0.06 22.56
N THR A 88 -17.95 -0.04 21.78
CA THR A 88 -17.01 1.07 21.80
C THR A 88 -17.22 2.01 20.64
N LEU A 89 -18.39 1.97 20.01
CA LEU A 89 -18.72 2.82 18.87
C LEU A 89 -20.01 3.58 19.15
N LEU A 90 -20.12 4.77 18.57
CA LEU A 90 -21.39 5.49 18.45
C LEU A 90 -22.01 5.20 17.10
N LYS A 91 -23.33 5.02 17.08
CA LYS A 91 -24.11 5.11 15.86
C LYS A 91 -24.89 6.40 15.93
N LEU A 92 -24.47 7.40 15.15
CA LEU A 92 -25.26 8.60 15.01
C LEU A 92 -26.19 8.45 13.81
N THR A 93 -27.45 8.86 13.99
CA THR A 93 -28.40 8.90 12.90
C THR A 93 -28.44 10.30 12.30
N VAL A 94 -28.36 10.39 10.97
CA VAL A 94 -28.39 11.67 10.27
C VAL A 94 -29.59 11.68 9.34
N ASP A 95 -30.11 12.89 9.10
CA ASP A 95 -31.32 13.09 8.32
C ASP A 95 -31.11 12.97 6.81
N VAL A 96 -29.87 12.77 6.35
CA VAL A 96 -29.56 12.56 4.94
C VAL A 96 -28.88 11.21 4.79
N ALA A 97 -29.25 10.47 3.76
CA ALA A 97 -28.61 9.20 3.49
C ALA A 97 -27.44 9.43 2.56
N ASN A 98 -26.35 8.71 2.78
CA ASN A 98 -25.20 8.94 1.93
C ASN A 98 -25.54 8.45 0.54
N PRO A 99 -25.61 9.33 -0.47
CA PRO A 99 -25.91 8.85 -1.83
C PRO A 99 -24.83 7.95 -2.39
N SER A 100 -23.61 8.01 -1.85
CA SER A 100 -22.53 7.14 -2.28
C SER A 100 -22.36 5.91 -1.39
N THR A 101 -23.40 5.48 -0.69
CA THR A 101 -23.28 4.28 0.13
C THR A 101 -23.09 3.07 -0.75
N PRO A 102 -21.99 2.33 -0.63
CA PRO A 102 -21.81 1.12 -1.41
C PRO A 102 -22.47 -0.05 -0.71
N ALA A 103 -22.58 -1.16 -1.42
CA ALA A 103 -23.03 -2.37 -0.77
C ALA A 103 -21.94 -2.83 0.20
N TYR A 104 -22.32 -3.10 1.45
CA TYR A 104 -21.33 -3.41 2.46
C TYR A 104 -21.84 -4.50 3.40
N THR A 105 -20.90 -5.07 4.15
CA THR A 105 -21.16 -6.03 5.22
C THR A 105 -20.25 -5.68 6.39
N PHE A 106 -20.51 -6.31 7.54
CA PHE A 106 -19.76 -6.02 8.76
C PHE A 106 -19.13 -7.32 9.24
N THR A 107 -17.90 -7.53 8.83
CA THR A 107 -17.14 -8.74 9.10
C THR A 107 -16.21 -8.52 10.27
N THR A 108 -15.60 -9.60 10.74
CA THR A 108 -14.62 -9.53 11.80
C THR A 108 -13.42 -10.33 11.34
N VAL A 109 -12.28 -9.65 11.09
CA VAL A 109 -11.11 -10.37 10.59
C VAL A 109 -10.62 -11.33 11.67
N LYS A 110 -10.32 -12.57 11.26
CA LYS A 110 -9.58 -13.45 12.16
C LYS A 110 -8.08 -13.19 12.01
N PRO A 111 -7.28 -13.55 12.99
CA PRO A 111 -5.82 -13.28 12.89
C PRO A 111 -5.21 -13.94 11.65
N GLY A 112 -4.22 -13.25 11.07
CA GLY A 112 -3.61 -13.68 9.84
C GLY A 112 -4.22 -13.06 8.59
N ALA A 113 -5.50 -12.70 8.65
CA ALA A 113 -6.19 -12.10 7.52
C ALA A 113 -5.64 -10.70 7.25
N ALA A 114 -5.63 -10.33 5.97
CA ALA A 114 -5.14 -9.01 5.54
C ALA A 114 -6.31 -8.11 5.15
N PHE A 115 -6.26 -6.84 5.56
CA PHE A 115 -7.26 -5.89 5.09
C PHE A 115 -6.61 -4.56 4.73
N SER A 116 -7.36 -3.75 4.02
CA SER A 116 -6.89 -2.44 3.60
C SER A 116 -7.35 -1.41 4.61
N VAL A 117 -6.53 -0.41 4.85
CA VAL A 117 -6.82 0.64 5.82
C VAL A 117 -6.81 1.97 5.09
N LEU A 118 -7.83 2.79 5.33
CA LEU A 118 -7.86 4.14 4.79
C LEU A 118 -7.65 5.12 5.95
N ALA A 119 -6.44 5.68 6.05
CA ALA A 119 -6.10 6.58 7.14
C ALA A 119 -6.63 7.99 6.87
N CYS A 120 -7.40 8.54 7.82
CA CYS A 120 -8.00 9.84 7.69
C CYS A 120 -7.64 10.74 8.85
N TYR A 121 -7.62 12.04 8.57
CA TYR A 121 -7.43 13.06 9.60
C TYR A 121 -8.42 14.20 9.36
N ASN A 122 -9.19 14.53 10.40
CA ASN A 122 -10.24 15.55 10.30
C ASN A 122 -11.25 15.21 9.21
N GLY A 123 -11.52 13.92 9.00
CA GLY A 123 -12.43 13.57 7.94
C GLY A 123 -11.89 13.72 6.54
N ARG A 124 -10.57 13.80 6.37
CA ARG A 124 -10.01 13.82 5.03
C ARG A 124 -9.08 12.64 4.88
N PRO A 125 -9.27 11.77 3.88
CA PRO A 125 -8.32 10.66 3.69
C PRO A 125 -6.94 11.22 3.38
N THR A 126 -5.92 10.58 3.93
CA THR A 126 -4.57 10.98 3.63
C THR A 126 -3.70 9.85 3.11
N GLY A 127 -4.03 8.60 3.41
CA GLY A 127 -3.17 7.50 3.04
C GLY A 127 -3.90 6.19 3.12
N THR A 128 -3.39 5.22 2.38
CA THR A 128 -3.94 3.87 2.42
C THR A 128 -2.78 2.88 2.45
N PHE A 129 -2.91 1.87 3.29
CA PHE A 129 -1.93 0.79 3.40
C PHE A 129 -2.68 -0.49 3.71
N THR A 130 -1.96 -1.61 3.76
CA THR A 130 -2.57 -2.89 4.08
C THR A 130 -1.87 -3.51 5.27
N VAL A 131 -2.65 -4.14 6.16
CA VAL A 131 -2.12 -4.80 7.35
C VAL A 131 -2.69 -6.22 7.47
N VAL A 132 -2.00 -7.07 8.22
CA VAL A 132 -2.53 -8.36 8.64
C VAL A 132 -2.85 -8.24 10.12
N MET A 133 -4.06 -8.67 10.49
CA MET A 133 -4.42 -8.77 11.89
C MET A 133 -3.49 -9.78 12.57
N ARG A 134 -2.77 -9.33 13.61
CA ARG A 134 -1.77 -10.16 14.28
C ARG A 134 -2.43 -11.22 15.16
N PRO A 135 -1.73 -12.33 15.42
CA PRO A 135 -2.25 -13.31 16.38
C PRO A 135 -2.62 -12.74 17.73
N ASN A 136 -1.99 -11.65 18.18
CA ASN A 136 -2.40 -11.02 19.43
C ASN A 136 -3.42 -9.89 19.21
N TYR A 137 -4.05 -9.84 18.04
CA TYR A 137 -5.12 -8.90 17.75
C TYR A 137 -4.65 -7.45 17.87
N THR A 138 -3.45 -7.19 17.39
CA THR A 138 -3.02 -5.84 17.10
C THR A 138 -2.67 -5.75 15.62
N ILE A 139 -2.54 -4.53 15.12
CA ILE A 139 -2.03 -4.32 13.78
C ILE A 139 -0.81 -3.42 13.88
N LYS A 140 0.09 -3.59 12.93
CA LYS A 140 1.23 -2.69 12.78
C LYS A 140 0.86 -1.68 11.70
N GLY A 141 0.14 -0.63 12.11
CA GLY A 141 -0.26 0.42 11.19
C GLY A 141 0.68 1.61 11.28
N SER A 142 0.27 2.69 10.62
CA SER A 142 0.93 3.99 10.73
C SER A 142 -0.18 4.98 10.98
N PHE A 143 -0.45 5.26 12.25
CA PHE A 143 -1.50 6.19 12.66
C PHE A 143 -0.89 7.22 13.58
N LEU A 144 -1.25 8.47 13.35
CA LEU A 144 -0.87 9.56 14.25
C LEU A 144 -2.11 10.04 15.00
N CYS A 145 -1.93 11.10 15.78
CA CYS A 145 -3.08 11.65 16.49
C CYS A 145 -4.08 12.22 15.48
N GLY A 146 -5.37 12.11 15.82
CA GLY A 146 -6.42 12.49 14.91
C GLY A 146 -6.84 11.41 13.93
N SER A 147 -6.25 10.23 13.98
CA SER A 147 -6.53 9.19 13.03
C SER A 147 -7.66 8.27 13.47
N CYS A 148 -8.22 8.48 14.67
CA CYS A 148 -9.26 7.58 15.15
C CYS A 148 -10.48 7.67 14.27
N GLY A 149 -11.11 6.53 14.07
CA GLY A 149 -12.22 6.43 13.16
C GLY A 149 -11.83 6.05 11.76
N SER A 150 -10.52 6.05 11.47
CA SER A 150 -10.02 5.49 10.24
C SER A 150 -10.49 4.05 10.13
N VAL A 151 -10.69 3.58 8.90
CA VAL A 151 -11.52 2.43 8.61
C VAL A 151 -10.72 1.38 7.86
N GLY A 152 -10.84 0.11 8.27
CA GLY A 152 -10.27 -1.01 7.55
C GLY A 152 -11.34 -1.83 6.84
N TYR A 153 -11.01 -2.35 5.65
CA TYR A 153 -12.01 -2.98 4.80
C TYR A 153 -11.37 -3.99 3.86
N THR A 154 -12.18 -4.94 3.41
CA THR A 154 -11.87 -5.72 2.22
C THR A 154 -13.08 -5.70 1.30
N LYS A 155 -12.85 -6.13 0.07
CA LYS A 155 -13.82 -5.96 -1.01
C LYS A 155 -13.97 -7.32 -1.68
N GLU A 156 -15.03 -8.06 -1.33
CA GLU A 156 -15.40 -9.30 -2.01
C GLU A 156 -16.32 -8.95 -3.18
N GLY A 157 -15.83 -9.10 -4.39
CA GLY A 157 -16.61 -8.70 -5.55
C GLY A 157 -16.77 -7.21 -5.56
N SER A 158 -18.00 -6.73 -5.52
CA SER A 158 -18.24 -5.29 -5.44
C SER A 158 -18.81 -4.91 -4.07
N VAL A 159 -18.72 -5.81 -3.09
CA VAL A 159 -19.23 -5.54 -1.73
C VAL A 159 -18.06 -5.26 -0.79
N ILE A 160 -18.17 -4.17 -0.04
CA ILE A 160 -17.12 -3.74 0.86
C ILE A 160 -17.37 -4.34 2.24
N ASN A 161 -16.36 -5.03 2.76
CA ASN A 161 -16.44 -5.73 4.03
C ASN A 161 -15.74 -4.90 5.10
N PHE A 162 -16.52 -4.10 5.83
CA PHE A 162 -15.96 -3.21 6.84
C PHE A 162 -15.64 -4.00 8.09
N CYS A 163 -14.37 -3.95 8.54
CA CYS A 163 -13.93 -4.83 9.59
C CYS A 163 -13.16 -4.17 10.71
N TYR A 164 -12.81 -2.88 10.61
CA TYR A 164 -11.94 -2.23 11.59
C TYR A 164 -12.22 -0.74 11.65
N MET A 165 -12.35 -0.21 12.86
CA MET A 165 -12.34 1.23 13.11
C MET A 165 -11.31 1.51 14.17
N HIS A 166 -10.38 2.42 13.86
CA HIS A 166 -9.16 2.56 14.64
C HIS A 166 -9.39 3.31 15.94
N GLN A 167 -8.74 2.85 17.01
CA GLN A 167 -9.05 3.39 18.32
C GLN A 167 -7.83 3.84 19.13
N MET A 168 -6.69 3.17 19.03
CA MET A 168 -5.66 3.50 20.00
C MET A 168 -4.32 2.91 19.59
N GLU A 169 -3.27 3.51 20.13
CA GLU A 169 -1.92 3.03 19.97
C GLU A 169 -1.46 2.46 21.30
N LEU A 170 -0.96 1.23 21.30
CA LEU A 170 -0.51 0.59 22.54
C LEU A 170 0.90 1.04 22.90
N ALA A 171 1.57 0.31 23.80
CA ALA A 171 2.82 0.79 24.41
C ALA A 171 3.98 0.75 23.44
N ASN A 172 4.06 -0.26 22.59
CA ASN A 172 4.93 -0.24 21.43
C ASN A 172 4.27 0.58 20.33
N GLY A 173 4.78 0.50 19.11
CA GLY A 173 4.13 1.26 18.04
C GLY A 173 2.94 0.55 17.40
N THR A 174 2.21 -0.24 18.19
CA THR A 174 1.20 -1.15 17.69
C THR A 174 -0.19 -0.54 17.91
N HIS A 175 -1.15 -0.98 17.09
CA HIS A 175 -2.46 -0.34 17.07
C HIS A 175 -3.57 -1.36 17.24
N THR A 176 -4.73 -0.87 17.69
CA THR A 176 -5.93 -1.70 17.70
C THR A 176 -7.17 -0.81 17.62
N GLY A 177 -8.29 -1.46 17.35
CA GLY A 177 -9.55 -0.76 17.14
C GLY A 177 -10.70 -1.73 17.29
N SER A 178 -11.88 -1.26 16.87
CA SER A 178 -13.15 -1.96 17.04
C SER A 178 -13.54 -2.70 15.78
N ALA A 179 -14.16 -3.85 15.94
CA ALA A 179 -15.05 -4.32 14.89
C ALA A 179 -16.35 -3.52 14.92
N PHE A 180 -17.18 -3.67 13.90
CA PHE A 180 -18.34 -2.80 13.78
C PHE A 180 -19.54 -3.29 14.56
N ASP A 181 -19.43 -4.41 15.26
CA ASP A 181 -20.34 -4.71 16.36
C ASP A 181 -19.94 -4.00 17.65
N GLY A 182 -18.93 -3.13 17.62
CA GLY A 182 -18.58 -2.34 18.76
C GLY A 182 -17.56 -2.97 19.68
N THR A 183 -17.14 -4.19 19.40
CA THR A 183 -16.23 -4.90 20.29
C THR A 183 -14.80 -4.75 19.79
N MET A 184 -13.87 -4.61 20.74
CA MET A 184 -12.50 -4.26 20.40
C MET A 184 -11.69 -5.52 20.23
N TYR A 185 -11.02 -5.61 19.08
CA TYR A 185 -10.09 -6.70 18.86
C TYR A 185 -9.17 -6.80 20.05
N GLY A 186 -9.04 -8.02 20.58
CA GLY A 186 -8.14 -8.25 21.69
C GLY A 186 -8.67 -7.85 23.04
N ALA A 187 -9.90 -7.33 23.11
CA ALA A 187 -10.53 -6.90 24.36
C ALA A 187 -9.80 -5.75 25.05
N PHE A 188 -8.97 -4.99 24.34
CA PHE A 188 -8.43 -3.78 24.92
C PHE A 188 -9.57 -2.82 25.24
N MET A 189 -9.31 -1.90 26.16
CA MET A 189 -10.32 -0.97 26.64
C MET A 189 -10.06 0.44 26.11
N ASP A 190 -11.12 1.10 25.65
CA ASP A 190 -11.00 2.48 25.17
C ASP A 190 -10.90 3.40 26.39
N LYS A 191 -9.78 3.27 27.09
CA LYS A 191 -9.46 4.18 28.18
C LYS A 191 -7.95 4.28 28.28
N GLN A 192 -7.49 5.44 28.68
CA GLN A 192 -6.06 5.73 28.73
C GLN A 192 -5.50 5.09 29.99
N VAL A 193 -5.03 3.85 29.85
CA VAL A 193 -4.33 3.13 30.90
C VAL A 193 -3.33 2.22 30.22
N HIS A 194 -2.21 1.96 30.89
CA HIS A 194 -1.27 0.95 30.43
C HIS A 194 -2.02 -0.38 30.30
N GLN A 195 -1.88 -1.01 29.13
CA GLN A 195 -2.51 -2.28 28.85
C GLN A 195 -1.51 -3.23 28.22
N VAL A 196 -1.52 -4.47 28.70
CA VAL A 196 -0.57 -5.49 28.27
C VAL A 196 -1.12 -6.18 27.03
N GLN A 197 -0.36 -6.11 25.94
CA GLN A 197 -0.63 -6.98 24.80
C GLN A 197 -0.02 -8.35 25.05
N LEU A 198 -0.65 -9.38 24.51
CA LEU A 198 -0.08 -10.70 24.60
C LEU A 198 1.06 -10.84 23.59
N THR A 199 1.83 -11.92 23.74
CA THR A 199 2.99 -12.13 22.89
C THR A 199 2.53 -12.47 21.48
N ASP A 200 3.24 -11.94 20.49
CA ASP A 200 2.88 -12.25 19.11
C ASP A 200 3.34 -13.66 18.74
N LYS A 201 2.86 -14.11 17.58
CA LYS A 201 3.20 -15.42 17.03
C LYS A 201 3.25 -15.30 15.52
N TYR A 202 3.97 -16.20 14.88
CA TYR A 202 3.97 -16.27 13.43
C TYR A 202 2.67 -16.90 12.95
N CYS A 203 2.09 -16.31 11.91
CA CYS A 203 0.89 -16.89 11.30
C CYS A 203 1.34 -18.04 10.42
N SER A 204 1.20 -19.27 10.92
CA SER A 204 1.74 -20.43 10.20
C SER A 204 1.26 -20.47 8.76
N VAL A 205 -0.04 -20.25 8.54
CA VAL A 205 -0.54 -20.42 7.19
C VAL A 205 0.02 -19.35 6.25
N ASN A 206 0.38 -18.17 6.78
CA ASN A 206 1.00 -17.17 5.90
C ASN A 206 2.45 -17.51 5.59
N VAL A 207 3.19 -18.03 6.56
CA VAL A 207 4.54 -18.48 6.25
C VAL A 207 4.48 -19.57 5.19
N VAL A 208 3.52 -20.48 5.31
CA VAL A 208 3.35 -21.50 4.29
C VAL A 208 3.06 -20.87 2.94
N ALA A 209 2.18 -19.86 2.91
CA ALA A 209 1.89 -19.17 1.66
C ALA A 209 3.16 -18.59 1.05
N TRP A 210 4.02 -18.01 1.89
CA TRP A 210 5.22 -17.35 1.40
C TRP A 210 6.23 -18.35 0.83
N LEU A 211 6.41 -19.48 1.51
CA LEU A 211 7.23 -20.55 0.92
C LEU A 211 6.70 -20.97 -0.45
N TYR A 212 5.37 -21.06 -0.61
CA TYR A 212 4.81 -21.38 -1.92
C TYR A 212 5.16 -20.31 -2.94
N ALA A 213 5.15 -19.04 -2.53
CA ALA A 213 5.53 -17.97 -3.44
C ALA A 213 7.00 -18.08 -3.84
N ALA A 214 7.84 -18.58 -2.92
CA ALA A 214 9.23 -18.88 -3.25
C ALA A 214 9.32 -19.96 -4.32
N ILE A 215 8.76 -21.14 -4.01
CA ILE A 215 8.78 -22.24 -4.98
C ILE A 215 8.25 -21.78 -6.32
N LEU A 216 7.18 -20.96 -6.32
CA LEU A 216 6.64 -20.46 -7.57
C LEU A 216 7.64 -19.59 -8.32
N ASN A 217 8.65 -19.06 -7.63
CA ASN A 217 9.62 -18.15 -8.24
C ASN A 217 11.00 -18.78 -8.32
N GLY A 218 11.10 -20.12 -8.29
CA GLY A 218 12.33 -20.81 -8.50
C GLY A 218 13.10 -21.16 -7.25
N CYS A 219 12.79 -20.51 -6.13
CA CYS A 219 13.60 -20.65 -4.92
C CYS A 219 13.09 -21.82 -4.11
N ALA A 220 13.48 -23.04 -4.51
CA ALA A 220 12.90 -24.24 -3.91
C ALA A 220 13.90 -25.08 -3.12
N TRP A 221 15.00 -24.48 -2.65
CA TRP A 221 16.05 -25.29 -2.03
C TRP A 221 15.57 -26.01 -0.79
N PHE A 222 14.69 -25.39 0.00
CA PHE A 222 14.28 -25.87 1.32
C PHE A 222 13.29 -27.03 1.25
N VAL A 223 12.85 -27.41 0.05
CA VAL A 223 11.85 -28.48 -0.12
C VAL A 223 12.59 -29.82 -0.06
N LYS A 224 12.57 -30.47 1.09
CA LYS A 224 13.03 -31.85 1.23
C LYS A 224 11.83 -32.78 1.21
N PRO A 225 12.05 -34.10 1.06
CA PRO A 225 10.90 -35.02 1.08
C PRO A 225 10.30 -35.22 2.46
N ASN A 226 10.98 -34.86 3.55
CA ASN A 226 10.41 -35.02 4.87
C ASN A 226 9.10 -34.24 4.98
N ARG A 227 8.18 -34.75 5.78
CA ARG A 227 6.90 -34.10 6.01
C ARG A 227 6.61 -34.13 7.51
N THR A 228 5.89 -33.10 7.96
CA THR A 228 5.29 -33.07 9.29
C THR A 228 3.79 -32.98 9.10
N SER A 229 3.04 -33.71 9.91
CA SER A 229 1.60 -33.66 9.73
C SER A 229 1.05 -32.40 10.38
N VAL A 230 -0.15 -32.01 9.97
CA VAL A 230 -0.76 -30.83 10.56
C VAL A 230 -0.85 -31.00 12.08
N VAL A 231 -1.36 -32.15 12.53
CA VAL A 231 -1.45 -32.43 13.96
C VAL A 231 -0.10 -32.23 14.64
N SER A 232 0.92 -32.88 14.10
CA SER A 232 2.26 -32.79 14.68
C SER A 232 2.68 -31.34 14.81
N PHE A 233 2.80 -30.64 13.68
CA PHE A 233 3.15 -29.22 13.65
C PHE A 233 2.36 -28.41 14.67
N ASN A 234 1.04 -28.57 14.68
CA ASN A 234 0.25 -27.77 15.59
C ASN A 234 0.69 -27.99 17.03
N GLU A 235 0.98 -29.26 17.39
CA GLU A 235 1.53 -29.53 18.72
C GLU A 235 2.85 -28.80 18.92
N TRP A 236 3.70 -28.79 17.89
CA TRP A 236 4.98 -28.09 17.95
C TRP A 236 4.79 -26.58 18.02
N ALA A 237 3.82 -26.05 17.28
CA ALA A 237 3.60 -24.60 17.25
C ALA A 237 3.32 -24.04 18.63
N LEU A 238 2.60 -24.80 19.45
CA LEU A 238 2.23 -24.32 20.77
C LEU A 238 3.44 -23.95 21.60
N ALA A 239 4.61 -24.48 21.27
CA ALA A 239 5.83 -24.25 22.04
C ALA A 239 6.89 -23.49 21.25
N ASN A 240 6.57 -23.00 20.06
CA ASN A 240 7.55 -22.28 19.24
C ASN A 240 6.98 -20.97 18.69
N GLN A 241 5.99 -20.39 19.38
CA GLN A 241 5.39 -19.11 18.97
C GLN A 241 4.82 -19.15 17.55
N PHE A 242 4.12 -20.23 17.20
CA PHE A 242 3.46 -20.33 15.90
C PHE A 242 1.98 -20.58 16.14
N THR A 243 1.15 -20.11 15.20
CA THR A 243 -0.27 -20.35 15.35
C THR A 243 -0.63 -21.74 14.82
N GLU A 244 -1.78 -22.25 15.27
CA GLU A 244 -2.30 -23.50 14.74
C GLU A 244 -2.50 -23.34 13.25
N PHE A 245 -2.02 -24.32 12.47
CA PHE A 245 -2.21 -24.27 11.04
C PHE A 245 -3.62 -24.74 10.70
N VAL A 246 -4.36 -23.92 9.94
CA VAL A 246 -5.63 -24.31 9.38
C VAL A 246 -5.57 -24.06 7.87
N GLY A 247 -5.52 -25.14 7.09
CA GLY A 247 -5.43 -25.01 5.65
C GLY A 247 -6.74 -24.57 5.03
N THR A 248 -6.66 -24.12 3.79
CA THR A 248 -7.82 -23.61 3.06
C THR A 248 -7.73 -24.01 1.59
N GLN A 249 -8.83 -23.81 0.86
CA GLN A 249 -8.82 -24.09 -0.56
C GLN A 249 -7.78 -23.22 -1.28
N SER A 250 -7.56 -22.01 -0.78
CA SER A 250 -6.53 -21.15 -1.37
C SER A 250 -5.14 -21.76 -1.24
N VAL A 251 -4.81 -22.35 -0.09
CA VAL A 251 -3.52 -23.02 0.10
C VAL A 251 -3.42 -24.24 -0.79
N ASP A 252 -4.53 -24.89 -1.04
CA ASP A 252 -4.55 -26.08 -1.89
C ASP A 252 -4.22 -25.73 -3.32
N MET A 253 -4.70 -24.58 -3.79
CA MET A 253 -4.34 -24.13 -5.13
C MET A 253 -2.82 -24.06 -5.24
N LEU A 254 -2.17 -23.43 -4.26
CA LEU A 254 -0.72 -23.32 -4.24
C LEU A 254 -0.06 -24.69 -4.20
N ALA A 255 -0.67 -25.65 -3.53
CA ALA A 255 -0.04 -26.97 -3.46
C ALA A 255 -0.21 -27.71 -4.78
N VAL A 256 -1.37 -27.58 -5.42
CA VAL A 256 -1.58 -28.25 -6.69
C VAL A 256 -0.67 -27.67 -7.76
N LYS A 257 -0.64 -26.31 -7.93
CA LYS A 257 0.12 -25.69 -9.04
C LYS A 257 1.61 -25.75 -8.84
N THR A 258 2.03 -26.49 -7.87
CA THR A 258 3.39 -26.53 -7.38
C THR A 258 3.92 -27.94 -7.18
N GLY A 259 3.07 -28.88 -6.77
CA GLY A 259 3.51 -30.22 -6.49
C GLY A 259 4.03 -30.44 -5.09
N VAL A 260 4.31 -29.38 -4.34
CA VAL A 260 4.80 -29.52 -2.98
C VAL A 260 3.59 -29.57 -2.03
N ALA A 261 3.60 -30.55 -1.14
CA ALA A 261 2.53 -30.72 -0.18
C ALA A 261 2.65 -29.75 0.99
N ILE A 262 1.49 -29.41 1.57
CA ILE A 262 1.44 -28.61 2.79
C ILE A 262 2.39 -29.17 3.84
N GLU A 263 2.45 -30.51 3.94
CA GLU A 263 3.21 -31.15 5.01
C GLU A 263 4.73 -31.04 4.80
N GLN A 264 5.18 -30.98 3.56
CA GLN A 264 6.59 -30.75 3.34
C GLN A 264 7.01 -29.41 3.88
N LEU A 265 6.19 -28.37 3.61
CA LEU A 265 6.52 -27.02 4.06
C LEU A 265 6.35 -26.87 5.57
N LEU A 266 5.43 -27.62 6.17
CA LEU A 266 5.35 -27.65 7.64
C LEU A 266 6.65 -28.15 8.26
N TYR A 267 7.25 -29.18 7.65
CA TYR A 267 8.55 -29.65 8.12
C TYR A 267 9.64 -28.63 7.85
N ALA A 268 9.60 -28.02 6.66
CA ALA A 268 10.56 -26.97 6.33
C ALA A 268 10.54 -25.84 7.37
N ILE A 269 9.35 -25.49 7.88
CA ILE A 269 9.25 -24.39 8.83
C ILE A 269 9.90 -24.76 10.14
N GLN A 270 9.73 -26.00 10.57
CA GLN A 270 10.47 -26.46 11.74
C GLN A 270 11.99 -26.34 11.54
N GLN A 271 12.48 -26.58 10.32
CA GLN A 271 13.90 -26.38 10.06
C GLN A 271 14.24 -24.89 9.97
N LEU A 272 13.57 -24.16 9.09
CA LEU A 272 13.91 -22.75 8.88
C LEU A 272 13.76 -21.92 10.14
N TYR A 273 12.98 -22.38 11.11
CA TYR A 273 12.83 -21.63 12.36
C TYR A 273 14.15 -21.62 13.12
N THR A 274 14.91 -22.71 13.02
CA THR A 274 16.18 -22.84 13.71
C THR A 274 17.24 -21.95 13.07
N GLY A 275 17.13 -21.68 11.79
CA GLY A 275 18.04 -20.81 11.09
C GLY A 275 18.09 -21.19 9.63
N PHE A 276 18.35 -20.19 8.79
CA PHE A 276 18.40 -20.37 7.35
C PHE A 276 19.68 -21.04 6.87
N GLN A 277 20.62 -21.33 7.76
CA GLN A 277 21.89 -21.96 7.41
C GLN A 277 22.56 -21.24 6.25
N GLY A 278 22.63 -19.90 6.36
CA GLY A 278 23.30 -19.06 5.37
C GLY A 278 22.48 -18.61 4.18
N LYS A 279 21.59 -19.49 3.67
CA LYS A 279 20.89 -19.22 2.43
C LYS A 279 19.76 -18.21 2.66
N GLN A 280 19.08 -17.85 1.58
CA GLN A 280 17.98 -16.88 1.62
C GLN A 280 16.81 -17.36 0.77
N ILE A 281 15.61 -16.93 1.16
CA ILE A 281 14.37 -17.26 0.47
C ILE A 281 13.70 -15.96 0.11
N LEU A 282 13.49 -15.73 -1.19
CA LEU A 282 12.90 -14.48 -1.64
C LEU A 282 13.61 -13.30 -1.00
N GLY A 283 14.94 -13.39 -0.94
CA GLY A 283 15.77 -12.33 -0.46
C GLY A 283 15.69 -12.08 1.03
N SER A 284 15.32 -13.08 1.81
CA SER A 284 15.07 -12.84 3.21
C SER A 284 15.79 -13.89 4.02
N THR A 285 16.13 -13.54 5.26
CA THR A 285 16.78 -14.43 6.21
C THR A 285 15.86 -14.79 7.37
N MET A 286 14.64 -14.27 7.36
CA MET A 286 13.65 -14.57 8.38
C MET A 286 12.39 -15.06 7.68
N LEU A 287 11.60 -15.86 8.41
CA LEU A 287 10.27 -16.22 7.97
C LEU A 287 9.43 -14.99 7.75
N GLU A 288 8.78 -14.90 6.59
CA GLU A 288 7.83 -13.83 6.29
C GLU A 288 6.39 -14.32 6.48
N ASP A 289 5.58 -13.58 7.26
CA ASP A 289 4.22 -14.03 7.52
C ASP A 289 3.14 -12.98 7.26
N GLU A 290 3.42 -11.95 6.45
CA GLU A 290 2.43 -10.93 6.18
C GLU A 290 1.75 -11.07 4.83
N PHE A 291 2.05 -12.13 4.09
CA PHE A 291 1.34 -12.44 2.85
C PHE A 291 0.52 -13.69 3.08
N THR A 292 -0.74 -13.66 2.65
CA THR A 292 -1.72 -14.73 2.75
C THR A 292 -1.74 -15.58 1.49
N PRO A 293 -2.36 -16.77 1.57
CA PRO A 293 -2.54 -17.57 0.34
C PRO A 293 -3.29 -16.83 -0.77
N GLU A 294 -4.27 -15.99 -0.44
CA GLU A 294 -4.99 -15.22 -1.45
C GLU A 294 -4.10 -14.18 -2.12
N ASP A 295 -3.24 -13.52 -1.34
CA ASP A 295 -2.17 -12.69 -1.90
C ASP A 295 -1.34 -13.45 -2.93
N VAL A 296 -0.80 -14.62 -2.57
CA VAL A 296 0.08 -15.36 -3.47
C VAL A 296 -0.69 -15.84 -4.69
N ASN A 297 -1.93 -16.27 -4.50
CA ASN A 297 -2.78 -16.66 -5.63
C ASN A 297 -2.99 -15.49 -6.58
N MET A 298 -3.46 -14.35 -6.05
CA MET A 298 -3.77 -13.21 -6.91
C MET A 298 -2.54 -12.71 -7.64
N GLN A 299 -1.39 -12.64 -6.95
CA GLN A 299 -0.23 -11.96 -7.49
C GLN A 299 0.72 -12.85 -8.27
N ILE A 300 0.58 -14.17 -8.17
CA ILE A 300 1.38 -15.11 -8.97
C ILE A 300 0.42 -16.11 -9.64
N MET A 301 -0.55 -15.58 -10.38
CA MET A 301 -1.53 -16.41 -11.10
C MET A 301 -0.92 -16.97 -12.37
N SER B 1 7.48 -1.07 14.38
CA SER B 1 8.49 -0.10 13.96
C SER B 1 7.89 1.18 13.32
N GLY B 2 6.59 1.20 13.03
CA GLY B 2 5.92 2.43 12.63
C GLY B 2 5.91 2.75 11.14
N LEU B 3 6.71 2.05 10.31
CA LEU B 3 6.92 2.37 8.88
C LEU B 3 6.21 1.38 7.97
N VAL B 4 5.04 1.76 7.48
CA VAL B 4 4.34 0.93 6.51
C VAL B 4 4.50 1.57 5.14
N LYS B 5 4.29 0.76 4.10
CA LYS B 5 4.27 1.24 2.73
C LYS B 5 2.92 1.92 2.49
N MET B 6 2.90 3.24 2.49
CA MET B 6 1.67 4.03 2.39
C MET B 6 1.50 4.64 0.99
N SER B 7 0.27 4.68 0.49
CA SER B 7 -0.02 5.23 -0.83
C SER B 7 -1.04 6.34 -0.70
N HIS B 8 -1.10 7.18 -1.71
CA HIS B 8 -2.16 8.17 -1.75
C HIS B 8 -3.50 7.49 -1.98
N PRO B 9 -4.55 7.95 -1.31
CA PRO B 9 -5.91 7.49 -1.62
C PRO B 9 -6.17 7.67 -3.11
N SER B 10 -6.70 6.63 -3.73
CA SER B 10 -6.69 6.52 -5.17
C SER B 10 -7.95 7.08 -5.81
N GLY B 11 -8.90 7.55 -5.00
CA GLY B 11 -10.17 8.00 -5.55
C GLY B 11 -10.03 9.00 -6.69
N ASP B 12 -9.14 9.97 -6.55
CA ASP B 12 -8.96 10.97 -7.61
C ASP B 12 -8.63 10.29 -8.93
N VAL B 13 -7.72 9.34 -8.89
CA VAL B 13 -7.22 8.74 -10.10
C VAL B 13 -8.22 7.73 -10.64
N GLU B 14 -8.95 7.05 -9.74
CA GLU B 14 -9.96 6.07 -10.15
C GLU B 14 -10.95 6.69 -11.13
N ALA B 15 -11.31 7.96 -10.91
CA ALA B 15 -12.29 8.63 -11.76
C ALA B 15 -11.76 8.97 -13.15
N CYS B 16 -10.48 8.75 -13.43
CA CYS B 16 -9.88 9.12 -14.70
C CYS B 16 -9.46 7.92 -15.54
N MET B 17 -9.66 6.69 -15.05
CA MET B 17 -9.28 5.49 -15.80
C MET B 17 -10.34 5.11 -16.83
N VAL B 18 -9.89 4.74 -18.02
CA VAL B 18 -10.77 4.26 -19.08
C VAL B 18 -10.12 3.08 -19.77
N GLN B 19 -10.91 2.39 -20.58
CA GLN B 19 -10.42 1.36 -21.47
C GLN B 19 -10.26 1.93 -22.86
N VAL B 20 -9.06 1.83 -23.41
CA VAL B 20 -8.80 2.17 -24.81
C VAL B 20 -8.76 0.88 -25.60
N THR B 21 -9.43 0.86 -26.74
CA THR B 21 -9.35 -0.26 -27.65
C THR B 21 -9.09 0.20 -29.08
N CYS B 22 -8.33 -0.61 -29.79
CA CYS B 22 -7.87 -0.28 -31.14
C CYS B 22 -7.96 -1.56 -31.95
N GLY B 23 -9.10 -1.75 -32.62
CA GLY B 23 -9.42 -3.04 -33.21
C GLY B 23 -9.78 -4.06 -32.15
N SER B 24 -8.90 -5.04 -31.93
CA SER B 24 -9.12 -6.00 -30.87
C SER B 24 -8.07 -5.92 -29.78
N MET B 25 -7.07 -5.05 -29.92
CA MET B 25 -6.16 -4.79 -28.81
C MET B 25 -6.83 -3.83 -27.82
N THR B 26 -6.65 -4.10 -26.52
CA THR B 26 -7.26 -3.29 -25.47
C THR B 26 -6.30 -3.12 -24.30
N LEU B 27 -6.27 -1.92 -23.71
CA LEU B 27 -5.54 -1.67 -22.46
C LEU B 27 -6.14 -0.45 -21.74
N ASN B 28 -5.37 0.15 -20.83
CA ASN B 28 -5.88 1.17 -19.91
C ASN B 28 -5.49 2.56 -20.34
N GLY B 29 -6.33 3.53 -20.01
CA GLY B 29 -6.05 4.91 -20.38
C GLY B 29 -6.38 5.88 -19.27
N LEU B 30 -5.85 7.10 -19.42
CA LEU B 30 -6.04 8.20 -18.47
C LEU B 30 -6.81 9.32 -19.15
N TRP B 31 -8.02 9.58 -18.68
CA TRP B 31 -8.90 10.59 -19.24
C TRP B 31 -8.79 11.85 -18.41
N LEU B 32 -8.07 12.84 -18.93
CA LEU B 32 -7.95 14.15 -18.29
C LEU B 32 -8.51 15.19 -19.25
N ASP B 33 -9.58 15.86 -18.83
CA ASP B 33 -10.28 16.83 -19.69
C ASP B 33 -10.64 16.21 -21.03
N ASN B 34 -10.19 16.80 -22.13
CA ASN B 34 -10.54 16.32 -23.46
C ASN B 34 -9.47 15.43 -24.07
N THR B 35 -8.67 14.77 -23.24
CA THR B 35 -7.55 13.96 -23.68
C THR B 35 -7.59 12.60 -23.00
N VAL B 36 -7.28 11.56 -23.76
CA VAL B 36 -7.03 10.24 -23.20
C VAL B 36 -5.61 9.86 -23.54
N TRP B 37 -4.86 9.40 -22.54
CA TRP B 37 -3.51 8.91 -22.74
C TRP B 37 -3.49 7.39 -22.59
N CYS B 38 -2.68 6.72 -23.40
CA CYS B 38 -2.45 5.29 -23.27
C CYS B 38 -1.20 4.94 -24.03
N PRO B 39 -0.58 3.80 -23.73
CA PRO B 39 0.67 3.46 -24.43
C PRO B 39 0.38 3.16 -25.90
N ARG B 40 1.36 3.48 -26.76
CA ARG B 40 1.07 3.40 -28.18
C ARG B 40 1.07 1.96 -28.71
N HIS B 41 1.58 0.99 -27.97
CA HIS B 41 1.56 -0.37 -28.51
C HIS B 41 0.15 -0.94 -28.51
N VAL B 42 -0.86 -0.07 -28.39
CA VAL B 42 -2.23 -0.53 -28.55
C VAL B 42 -2.61 -0.64 -30.02
N MET B 43 -1.95 0.10 -30.90
CA MET B 43 -2.14 -0.04 -32.35
C MET B 43 -1.51 -1.29 -32.90
N CYS B 44 -0.87 -2.08 -32.08
CA CYS B 44 -0.05 -3.05 -32.75
C CYS B 44 -0.71 -4.42 -32.72
N PRO B 45 -0.64 -5.17 -33.82
CA PRO B 45 -1.11 -6.56 -33.81
C PRO B 45 -0.05 -7.50 -33.25
N ALA B 46 -0.51 -8.46 -32.45
CA ALA B 46 0.38 -9.36 -31.73
C ALA B 46 1.47 -9.94 -32.64
N ASP B 47 1.07 -10.43 -33.82
CA ASP B 47 2.02 -10.91 -34.82
C ASP B 47 3.18 -9.93 -34.99
N GLN B 48 2.87 -8.65 -35.23
CA GLN B 48 3.88 -7.66 -35.56
C GLN B 48 4.50 -6.97 -34.34
N LEU B 49 4.29 -7.50 -33.11
CA LEU B 49 4.76 -6.83 -31.90
C LEU B 49 6.27 -7.01 -31.65
N SER B 50 6.94 -7.94 -32.36
CA SER B 50 8.35 -8.23 -32.14
C SER B 50 9.30 -7.20 -32.79
N ASP B 51 8.82 -6.45 -33.80
CA ASP B 51 9.58 -5.37 -34.46
C ASP B 51 8.61 -4.47 -35.21
N PRO B 52 7.77 -3.71 -34.51
CA PRO B 52 6.68 -2.97 -35.15
C PRO B 52 7.13 -1.62 -35.69
N ASN B 53 6.25 -0.99 -36.46
CA ASN B 53 6.58 0.27 -37.14
C ASN B 53 5.56 1.34 -36.82
N TYR B 54 5.77 2.07 -35.73
CA TYR B 54 4.70 2.86 -35.13
C TYR B 54 4.25 4.00 -36.04
N ASP B 55 5.18 4.67 -36.72
CA ASP B 55 4.76 5.70 -37.68
C ASP B 55 3.87 5.11 -38.76
N ALA B 56 4.23 3.94 -39.27
CA ALA B 56 3.37 3.27 -40.23
C ALA B 56 2.02 2.94 -39.60
N LEU B 57 2.05 2.31 -38.42
CA LEU B 57 0.81 1.98 -37.73
C LEU B 57 -0.05 3.22 -37.49
N LEU B 58 0.57 4.39 -37.36
CA LEU B 58 -0.18 5.60 -37.01
C LEU B 58 -0.93 6.19 -38.19
N ILE B 59 -0.23 6.48 -39.29
CA ILE B 59 -0.89 6.96 -40.51
C ILE B 59 -1.99 6.00 -40.96
N SER B 60 -1.81 4.70 -40.70
CA SER B 60 -2.86 3.71 -40.92
C SER B 60 -4.17 4.08 -40.22
N MET B 61 -4.11 4.80 -39.11
CA MET B 61 -5.28 5.04 -38.28
C MET B 61 -5.95 6.36 -38.61
N THR B 62 -7.24 6.41 -38.27
CA THR B 62 -8.02 7.64 -38.18
C THR B 62 -8.70 7.69 -36.81
N ASN B 63 -9.53 8.71 -36.59
CA ASN B 63 -10.28 8.76 -35.33
C ASN B 63 -11.11 7.51 -35.13
N HIS B 64 -11.75 7.01 -36.18
CA HIS B 64 -12.64 5.86 -36.03
C HIS B 64 -11.90 4.58 -35.65
N SER B 65 -10.57 4.59 -35.74
CA SER B 65 -9.81 3.41 -35.41
C SER B 65 -9.83 3.11 -33.91
N PHE B 66 -10.12 4.11 -33.07
CA PHE B 66 -10.02 3.99 -31.62
C PHE B 66 -11.40 4.09 -30.95
N SER B 67 -11.57 3.33 -29.87
CA SER B 67 -12.77 3.40 -29.04
C SER B 67 -12.36 3.52 -27.57
N VAL B 68 -12.98 4.46 -26.85
CA VAL B 68 -12.72 4.68 -25.43
C VAL B 68 -14.00 4.48 -24.62
N GLN B 69 -13.95 3.60 -23.62
CA GLN B 69 -15.08 3.36 -22.73
C GLN B 69 -14.68 3.63 -21.28
N LYS B 70 -15.67 3.93 -20.45
CA LYS B 70 -15.49 4.19 -19.02
C LYS B 70 -16.47 3.31 -18.25
N HIS B 71 -15.93 2.33 -17.52
CA HIS B 71 -16.72 1.29 -16.87
C HIS B 71 -17.00 1.56 -15.40
N ILE B 72 -16.57 2.68 -14.87
CA ILE B 72 -16.52 2.92 -13.44
C ILE B 72 -17.20 4.25 -13.16
N GLY B 73 -18.11 4.27 -12.17
CA GLY B 73 -18.87 5.49 -11.93
C GLY B 73 -19.87 5.75 -13.05
N ALA B 74 -20.03 7.03 -13.39
CA ALA B 74 -21.02 7.42 -14.40
C ALA B 74 -20.55 6.99 -15.78
N PRO B 75 -21.45 6.38 -16.60
CA PRO B 75 -21.02 5.71 -17.85
C PRO B 75 -20.42 6.59 -18.96
N ALA B 76 -20.29 6.03 -20.18
CA ALA B 76 -19.08 6.17 -21.02
C ALA B 76 -19.33 6.57 -22.48
N ASN B 77 -20.13 7.59 -22.73
CA ASN B 77 -20.30 8.01 -24.13
C ASN B 77 -19.06 8.80 -24.57
N LEU B 78 -18.06 8.12 -25.15
CA LEU B 78 -16.80 8.78 -25.51
C LEU B 78 -16.46 8.64 -26.99
N ARG B 79 -16.48 9.76 -27.73
CA ARG B 79 -16.16 9.78 -29.15
C ARG B 79 -14.76 10.36 -29.34
N VAL B 80 -13.87 9.56 -29.93
CA VAL B 80 -12.57 10.07 -30.33
C VAL B 80 -12.73 10.99 -31.53
N VAL B 81 -12.14 12.18 -31.46
CA VAL B 81 -12.26 13.18 -32.51
C VAL B 81 -10.88 13.69 -32.89
N GLY B 82 -9.84 13.09 -32.31
CA GLY B 82 -8.46 13.49 -32.59
C GLY B 82 -7.51 12.45 -32.07
N HIS B 83 -6.33 12.41 -32.66
CA HIS B 83 -5.33 11.43 -32.23
C HIS B 83 -3.96 11.84 -32.74
N ALA B 84 -2.95 11.69 -31.89
CA ALA B 84 -1.56 12.03 -32.17
C ALA B 84 -0.66 11.04 -31.48
N MET B 85 0.58 10.95 -31.93
CA MET B 85 1.59 10.14 -31.27
C MET B 85 2.56 11.05 -30.52
N GLN B 86 2.98 10.62 -29.33
CA GLN B 86 3.87 11.41 -28.51
C GLN B 86 4.83 10.45 -27.79
N GLY B 87 6.07 10.40 -28.26
CA GLY B 87 7.00 9.41 -27.79
C GLY B 87 6.36 8.05 -27.88
N THR B 88 6.30 7.37 -26.74
CA THR B 88 5.73 6.04 -26.65
C THR B 88 4.27 6.04 -26.22
N LEU B 89 3.61 7.19 -26.21
CA LEU B 89 2.21 7.28 -25.85
C LEU B 89 1.33 7.81 -26.98
N LEU B 90 0.09 7.34 -27.00
CA LEU B 90 -0.93 7.92 -27.88
C LEU B 90 -1.66 9.02 -27.14
N LYS B 91 -1.93 10.10 -27.84
CA LYS B 91 -2.66 11.23 -27.28
C LYS B 91 -3.97 11.36 -28.07
N LEU B 92 -5.02 10.68 -27.59
CA LEU B 92 -6.35 10.82 -28.16
C LEU B 92 -7.07 12.05 -27.61
N THR B 93 -7.75 12.77 -28.50
CA THR B 93 -8.67 13.84 -28.09
C THR B 93 -10.09 13.32 -28.17
N VAL B 94 -10.85 13.46 -27.08
CA VAL B 94 -12.23 13.01 -27.00
C VAL B 94 -13.13 14.22 -26.90
N ASP B 95 -14.41 14.02 -27.20
CA ASP B 95 -15.38 15.11 -27.34
C ASP B 95 -16.01 15.55 -26.03
N VAL B 96 -15.82 14.80 -24.95
CA VAL B 96 -16.31 15.15 -23.63
C VAL B 96 -15.13 15.36 -22.71
N ALA B 97 -15.06 16.52 -22.09
CA ALA B 97 -14.08 16.71 -21.03
C ALA B 97 -14.49 15.93 -19.79
N ASN B 98 -13.51 15.34 -19.11
CA ASN B 98 -13.79 14.58 -17.91
C ASN B 98 -14.26 15.52 -16.81
N PRO B 99 -15.48 15.39 -16.32
CA PRO B 99 -15.92 16.22 -15.18
C PRO B 99 -15.16 15.93 -13.90
N SER B 100 -14.54 14.76 -13.75
CA SER B 100 -13.80 14.42 -12.56
C SER B 100 -12.30 14.66 -12.70
N THR B 101 -11.90 15.59 -13.55
CA THR B 101 -10.48 15.80 -13.79
C THR B 101 -9.86 16.50 -12.59
N PRO B 102 -8.84 15.95 -11.95
CA PRO B 102 -8.19 16.65 -10.84
C PRO B 102 -7.21 17.68 -11.36
N ALA B 103 -6.86 18.62 -10.47
CA ALA B 103 -5.74 19.49 -10.76
C ALA B 103 -4.47 18.63 -10.87
N TYR B 104 -3.66 18.89 -11.90
CA TYR B 104 -2.60 17.92 -12.17
C TYR B 104 -1.44 18.53 -12.96
N THR B 105 -0.31 17.83 -12.91
CA THR B 105 0.91 18.16 -13.63
C THR B 105 1.52 16.89 -14.21
N PHE B 106 2.51 17.07 -15.05
CA PHE B 106 3.30 15.98 -15.61
C PHE B 106 4.76 16.25 -15.28
N THR B 107 5.38 15.33 -14.56
CA THR B 107 6.75 15.52 -14.10
C THR B 107 7.43 14.17 -14.06
N THR B 108 8.71 14.17 -14.36
CA THR B 108 9.43 12.92 -14.39
C THR B 108 9.97 12.62 -13.01
N VAL B 109 9.97 11.36 -12.65
CA VAL B 109 10.42 10.94 -11.33
C VAL B 109 11.87 10.53 -11.44
N LYS B 110 12.70 10.92 -10.42
CA LYS B 110 14.12 10.58 -10.30
C LYS B 110 14.32 9.33 -9.49
N PRO B 111 15.43 8.62 -9.70
CA PRO B 111 15.71 7.42 -8.89
C PRO B 111 15.68 7.71 -7.40
N GLY B 112 15.23 6.72 -6.62
CA GLY B 112 15.03 6.90 -5.20
C GLY B 112 13.70 7.49 -4.79
N ALA B 113 12.97 8.13 -5.70
CA ALA B 113 11.69 8.73 -5.36
C ALA B 113 10.56 7.71 -5.43
N ALA B 114 9.54 7.97 -4.63
CA ALA B 114 8.45 7.03 -4.41
C ALA B 114 7.18 7.58 -5.04
N PHE B 115 6.35 6.68 -5.56
CA PHE B 115 5.05 7.10 -6.06
C PHE B 115 4.05 5.98 -5.82
N SER B 116 2.78 6.32 -6.00
CA SER B 116 1.67 5.39 -5.85
C SER B 116 1.28 4.85 -7.22
N VAL B 117 0.92 3.58 -7.28
CA VAL B 117 0.52 2.95 -8.51
C VAL B 117 -0.90 2.42 -8.36
N LEU B 118 -1.72 2.68 -9.35
CA LEU B 118 -3.09 2.17 -9.41
C LEU B 118 -3.11 1.13 -10.52
N ALA B 119 -3.11 -0.14 -10.15
CA ALA B 119 -3.19 -1.24 -11.09
C ALA B 119 -4.60 -1.36 -11.64
N CYS B 120 -4.74 -1.28 -12.97
CA CYS B 120 -6.03 -1.35 -13.65
C CYS B 120 -6.05 -2.45 -14.70
N TYR B 121 -7.22 -3.05 -14.88
CA TYR B 121 -7.44 -4.11 -15.85
C TYR B 121 -8.76 -3.86 -16.55
N ASN B 122 -8.72 -3.74 -17.88
CA ASN B 122 -9.89 -3.41 -18.68
C ASN B 122 -10.58 -2.16 -18.15
N GLY B 123 -9.78 -1.14 -17.85
CA GLY B 123 -10.31 0.09 -17.32
C GLY B 123 -10.93 -0.02 -15.95
N ARG B 124 -10.61 -1.06 -15.20
CA ARG B 124 -11.17 -1.24 -13.86
C ARG B 124 -10.06 -1.24 -12.82
N PRO B 125 -10.05 -0.30 -11.89
CA PRO B 125 -9.06 -0.34 -10.81
C PRO B 125 -9.23 -1.61 -9.99
N THR B 126 -8.11 -2.25 -9.68
CA THR B 126 -8.13 -3.43 -8.83
C THR B 126 -7.27 -3.32 -7.60
N GLY B 127 -6.17 -2.57 -7.63
CA GLY B 127 -5.31 -2.48 -6.47
C GLY B 127 -4.37 -1.29 -6.54
N THR B 128 -3.89 -0.90 -5.37
CA THR B 128 -2.96 0.19 -5.27
C THR B 128 -1.78 -0.24 -4.41
N PHE B 129 -0.63 0.34 -4.70
CA PHE B 129 0.57 0.04 -3.95
C PHE B 129 1.59 1.13 -4.27
N THR B 130 2.72 1.05 -3.60
CA THR B 130 3.68 2.13 -3.69
C THR B 130 5.03 1.56 -4.10
N VAL B 131 5.74 2.26 -5.00
CA VAL B 131 7.04 1.81 -5.49
C VAL B 131 8.05 2.96 -5.47
N VAL B 132 9.32 2.57 -5.56
CA VAL B 132 10.45 3.48 -5.60
C VAL B 132 11.14 3.26 -6.93
N MET B 133 11.24 4.33 -7.73
CA MET B 133 11.97 4.27 -8.99
C MET B 133 13.43 3.82 -8.76
N ARG B 134 13.80 2.64 -9.25
CA ARG B 134 15.14 2.12 -8.95
C ARG B 134 16.21 2.91 -9.70
N PRO B 135 17.46 2.82 -9.25
CA PRO B 135 18.55 3.42 -10.02
C PRO B 135 18.67 2.90 -11.46
N ASN B 136 18.34 1.64 -11.74
CA ASN B 136 18.37 1.20 -13.12
C ASN B 136 17.10 1.59 -13.89
N TYR B 137 16.27 2.47 -13.33
CA TYR B 137 15.07 2.99 -13.99
C TYR B 137 14.05 1.89 -14.26
N THR B 138 13.86 1.03 -13.28
CA THR B 138 12.76 0.08 -13.30
C THR B 138 12.01 0.19 -11.97
N ILE B 139 10.88 -0.48 -11.87
CA ILE B 139 10.17 -0.59 -10.60
C ILE B 139 9.83 -2.05 -10.39
N LYS B 140 9.75 -2.44 -9.13
CA LYS B 140 9.29 -3.78 -8.78
C LYS B 140 7.81 -3.67 -8.39
N GLY B 141 6.94 -3.71 -9.39
CA GLY B 141 5.51 -3.73 -9.17
C GLY B 141 4.95 -5.15 -9.12
N SER B 142 3.61 -5.22 -9.07
CA SER B 142 2.89 -6.46 -9.31
C SER B 142 1.97 -6.21 -10.50
N PHE B 143 2.42 -6.62 -11.68
CA PHE B 143 1.74 -6.33 -12.93
C PHE B 143 1.53 -7.61 -13.69
N LEU B 144 0.28 -7.97 -13.89
CA LEU B 144 -0.09 -9.10 -14.73
C LEU B 144 -0.56 -8.58 -16.08
N CYS B 145 -0.77 -9.51 -17.01
CA CYS B 145 -1.13 -9.09 -18.36
C CYS B 145 -2.48 -8.39 -18.33
N GLY B 146 -2.61 -7.36 -19.16
CA GLY B 146 -3.77 -6.49 -19.14
C GLY B 146 -3.59 -5.25 -18.31
N SER B 147 -2.45 -5.08 -17.67
CA SER B 147 -2.21 -3.96 -16.78
C SER B 147 -1.56 -2.77 -17.46
N CYS B 148 -1.24 -2.84 -18.75
CA CYS B 148 -0.55 -1.71 -19.39
C CYS B 148 -1.44 -0.45 -19.38
N GLY B 149 -0.80 0.70 -19.21
CA GLY B 149 -1.51 1.94 -19.05
C GLY B 149 -1.95 2.23 -17.64
N SER B 150 -1.64 1.34 -16.69
CA SER B 150 -1.77 1.67 -15.28
C SER B 150 -0.91 2.88 -14.93
N VAL B 151 -1.39 3.67 -13.99
CA VAL B 151 -0.89 5.02 -13.80
C VAL B 151 -0.17 5.12 -12.46
N GLY B 152 0.93 5.86 -12.45
CA GLY B 152 1.69 6.12 -11.24
C GLY B 152 1.74 7.61 -10.97
N TYR B 153 1.66 7.98 -9.70
CA TYR B 153 1.34 9.36 -9.37
C TYR B 153 1.77 9.67 -7.94
N THR B 154 1.87 10.97 -7.66
CA THR B 154 2.06 11.49 -6.33
C THR B 154 1.15 12.69 -6.19
N LYS B 155 0.91 13.12 -4.96
CA LYS B 155 -0.04 14.20 -4.73
C LYS B 155 0.66 15.28 -3.94
N GLU B 156 0.47 16.54 -4.35
CA GLU B 156 1.05 17.69 -3.66
C GLU B 156 -0.02 18.31 -2.77
N GLY B 157 -0.52 19.47 -3.14
CA GLY B 157 -1.56 20.01 -2.33
C GLY B 157 -2.81 19.27 -2.74
N SER B 158 -3.57 19.92 -3.61
CA SER B 158 -4.62 19.27 -4.38
C SER B 158 -4.12 18.78 -5.73
N VAL B 159 -2.83 18.90 -6.00
CA VAL B 159 -2.32 18.66 -7.35
C VAL B 159 -1.76 17.25 -7.43
N ILE B 160 -2.39 16.43 -8.26
CA ILE B 160 -1.83 15.15 -8.65
C ILE B 160 -0.67 15.40 -9.61
N ASN B 161 0.46 14.75 -9.37
CA ASN B 161 1.52 14.73 -10.36
C ASN B 161 1.54 13.34 -10.98
N PHE B 162 1.11 13.23 -12.22
CA PHE B 162 1.21 11.96 -12.92
C PHE B 162 2.64 11.77 -13.44
N CYS B 163 3.24 10.63 -13.13
CA CYS B 163 4.66 10.46 -13.43
C CYS B 163 5.00 9.16 -14.15
N TYR B 164 4.05 8.23 -14.33
CA TYR B 164 4.38 6.89 -14.77
C TYR B 164 3.16 6.22 -15.40
N MET B 165 3.30 5.73 -16.62
CA MET B 165 2.30 4.87 -17.26
C MET B 165 2.96 3.54 -17.60
N HIS B 166 2.39 2.45 -17.10
CA HIS B 166 3.02 1.15 -17.22
C HIS B 166 3.09 0.69 -18.68
N GLN B 167 4.18 0.00 -19.05
CA GLN B 167 4.33 -0.48 -20.42
C GLN B 167 4.82 -1.93 -20.54
N MET B 168 5.79 -2.32 -19.72
CA MET B 168 6.58 -3.53 -19.99
C MET B 168 6.89 -4.28 -18.71
N GLU B 169 7.18 -5.57 -18.88
CA GLU B 169 7.86 -6.36 -17.85
C GLU B 169 9.15 -6.93 -18.45
N LEU B 170 10.27 -6.68 -17.78
CA LEU B 170 11.54 -7.24 -18.21
C LEU B 170 11.68 -8.66 -17.66
N ALA B 171 12.82 -9.31 -17.94
CA ALA B 171 12.96 -10.74 -17.69
C ALA B 171 12.86 -11.14 -16.22
N ASN B 172 13.09 -10.21 -15.28
CA ASN B 172 12.86 -10.49 -13.86
C ASN B 172 11.40 -10.15 -13.54
N GLY B 173 11.06 -9.97 -12.28
CA GLY B 173 9.73 -9.50 -11.92
C GLY B 173 9.64 -7.99 -11.92
N THR B 174 10.19 -7.39 -12.99
CA THR B 174 10.66 -6.01 -13.00
C THR B 174 10.06 -5.25 -14.16
N HIS B 175 9.55 -4.06 -13.88
CA HIS B 175 8.67 -3.33 -14.79
C HIS B 175 9.22 -1.96 -15.13
N THR B 176 8.75 -1.43 -16.25
CA THR B 176 9.12 -0.08 -16.64
C THR B 176 8.00 0.48 -17.46
N GLY B 177 8.10 1.78 -17.72
CA GLY B 177 7.00 2.53 -18.28
C GLY B 177 7.48 3.88 -18.74
N SER B 178 6.51 4.76 -18.99
CA SER B 178 6.78 6.05 -19.59
C SER B 178 6.45 7.19 -18.63
N ALA B 179 7.14 8.31 -18.82
CA ALA B 179 6.64 9.57 -18.32
C ALA B 179 5.59 10.09 -19.31
N PHE B 180 4.89 11.15 -18.93
CA PHE B 180 3.78 11.63 -19.75
C PHE B 180 4.24 12.58 -20.83
N ASP B 181 5.55 12.76 -20.99
CA ASP B 181 6.10 13.33 -22.21
C ASP B 181 6.35 12.28 -23.28
N GLY B 182 6.06 11.01 -23.01
CA GLY B 182 6.25 9.96 -23.97
C GLY B 182 7.53 9.18 -23.83
N THR B 183 8.56 9.75 -23.20
CA THR B 183 9.83 9.04 -23.07
C THR B 183 9.69 7.86 -22.11
N MET B 184 10.52 6.83 -22.31
CA MET B 184 10.53 5.69 -21.41
C MET B 184 11.65 5.82 -20.40
N TYR B 185 11.32 5.53 -19.13
CA TYR B 185 12.32 5.43 -18.09
C TYR B 185 13.32 4.35 -18.47
N GLY B 186 14.61 4.71 -18.45
CA GLY B 186 15.68 3.77 -18.77
C GLY B 186 15.87 3.50 -20.25
N ALA B 187 15.21 4.27 -21.11
CA ALA B 187 15.33 4.18 -22.56
C ALA B 187 14.99 2.81 -23.13
N PHE B 188 14.25 1.97 -22.41
CA PHE B 188 13.80 0.70 -22.98
C PHE B 188 12.87 0.93 -24.18
N MET B 189 12.79 -0.06 -25.06
CA MET B 189 11.97 0.01 -26.26
C MET B 189 10.67 -0.75 -26.08
N ASP B 190 9.57 -0.14 -26.54
CA ASP B 190 8.27 -0.81 -26.52
C ASP B 190 8.18 -1.76 -27.72
N LYS B 191 9.07 -2.77 -27.70
CA LYS B 191 9.15 -3.83 -28.69
C LYS B 191 9.47 -5.12 -27.95
N GLN B 192 8.78 -6.20 -28.32
CA GLN B 192 8.93 -7.48 -27.61
C GLN B 192 10.23 -8.16 -28.04
N VAL B 193 11.34 -7.54 -27.63
CA VAL B 193 12.67 -8.07 -27.88
C VAL B 193 13.36 -8.19 -26.54
N HIS B 194 14.33 -9.10 -26.46
CA HIS B 194 15.05 -9.29 -25.21
C HIS B 194 15.86 -8.04 -24.88
N GLN B 195 15.64 -7.49 -23.67
CA GLN B 195 16.28 -6.27 -23.22
C GLN B 195 16.75 -6.44 -21.79
N VAL B 196 18.04 -6.17 -21.55
CA VAL B 196 18.63 -6.30 -20.23
C VAL B 196 18.67 -4.93 -19.56
N GLN B 197 18.37 -4.92 -18.26
CA GLN B 197 18.54 -3.72 -17.45
C GLN B 197 20.00 -3.52 -17.08
N LEU B 198 20.30 -2.36 -16.50
CA LEU B 198 21.57 -2.11 -15.86
C LEU B 198 21.52 -2.63 -14.43
N THR B 199 22.70 -2.91 -13.88
CA THR B 199 22.75 -3.38 -12.50
C THR B 199 22.26 -2.27 -11.57
N ASP B 200 21.49 -2.67 -10.57
CA ASP B 200 20.89 -1.74 -9.62
C ASP B 200 21.90 -1.33 -8.56
N LYS B 201 21.62 -0.21 -7.91
CA LYS B 201 22.37 0.27 -6.77
C LYS B 201 21.38 0.52 -5.62
N TYR B 202 21.92 0.69 -4.42
CA TYR B 202 21.14 1.21 -3.30
C TYR B 202 20.96 2.72 -3.44
N CYS B 203 19.75 3.20 -3.16
CA CYS B 203 19.54 4.64 -3.02
C CYS B 203 20.09 5.06 -1.66
N SER B 204 21.20 5.79 -1.67
CA SER B 204 21.90 6.09 -0.43
C SER B 204 21.05 6.96 0.49
N VAL B 205 20.44 8.01 -0.06
CA VAL B 205 19.65 8.94 0.75
C VAL B 205 18.49 8.23 1.44
N ASN B 206 17.92 7.19 0.83
CA ASN B 206 16.83 6.47 1.50
C ASN B 206 17.35 5.58 2.63
N VAL B 207 18.52 4.96 2.44
CA VAL B 207 19.13 4.17 3.51
C VAL B 207 19.45 5.07 4.71
N VAL B 208 19.91 6.28 4.44
CA VAL B 208 20.11 7.24 5.52
C VAL B 208 18.79 7.53 6.22
N ALA B 209 17.71 7.68 5.46
CA ALA B 209 16.42 7.99 6.06
C ALA B 209 15.97 6.88 6.99
N TRP B 210 16.03 5.65 6.50
CA TRP B 210 15.68 4.49 7.30
C TRP B 210 16.52 4.42 8.58
N LEU B 211 17.82 4.70 8.48
CA LEU B 211 18.66 4.70 9.67
C LEU B 211 18.18 5.74 10.66
N TYR B 212 17.86 6.96 10.19
CA TYR B 212 17.25 7.96 11.08
C TYR B 212 15.96 7.42 11.69
N ALA B 213 15.16 6.70 10.92
CA ALA B 213 13.91 6.16 11.46
C ALA B 213 14.19 5.16 12.58
N ALA B 214 15.24 4.37 12.45
CA ALA B 214 15.64 3.50 13.55
C ALA B 214 16.06 4.31 14.78
N ILE B 215 16.95 5.28 14.59
CA ILE B 215 17.36 6.08 15.74
C ILE B 215 16.14 6.70 16.42
N LEU B 216 15.12 7.04 15.64
CA LEU B 216 13.91 7.63 16.20
C LEU B 216 13.08 6.62 16.98
N ASN B 217 13.15 5.34 16.62
CA ASN B 217 12.47 4.28 17.37
C ASN B 217 13.42 3.51 18.30
N GLY B 218 14.45 4.20 18.82
CA GLY B 218 15.33 3.63 19.84
C GLY B 218 16.16 2.44 19.40
N CYS B 219 16.58 2.40 18.15
CA CYS B 219 17.49 1.37 17.65
C CYS B 219 18.69 2.12 17.13
N ALA B 220 19.76 2.20 17.93
CA ALA B 220 20.87 3.05 17.52
C ALA B 220 22.23 2.43 17.78
N TRP B 221 22.30 1.11 17.97
CA TRP B 221 23.57 0.47 18.28
C TRP B 221 24.62 0.67 17.19
N PHE B 222 24.21 0.94 15.96
CA PHE B 222 25.13 1.17 14.84
C PHE B 222 25.73 2.57 14.85
N VAL B 223 25.35 3.43 15.76
CA VAL B 223 25.81 4.80 15.71
C VAL B 223 27.08 4.92 16.51
N LYS B 224 28.11 5.44 15.89
CA LYS B 224 29.40 5.69 16.53
C LYS B 224 29.77 7.13 16.29
N PRO B 225 30.87 7.60 16.87
CA PRO B 225 31.31 8.97 16.60
C PRO B 225 31.92 9.14 15.22
N ASN B 226 32.46 8.07 14.64
CA ASN B 226 33.21 8.17 13.39
C ASN B 226 32.34 8.67 12.26
N ARG B 227 32.95 9.40 11.35
CA ARG B 227 32.23 10.07 10.28
C ARG B 227 32.92 9.85 8.95
N THR B 228 32.12 9.79 7.90
CA THR B 228 32.63 9.82 6.55
C THR B 228 32.03 11.01 5.85
N SER B 229 32.87 11.87 5.31
CA SER B 229 32.40 13.03 4.57
C SER B 229 31.53 12.59 3.41
N VAL B 230 30.68 13.52 2.94
CA VAL B 230 29.83 13.20 1.80
C VAL B 230 30.69 12.92 0.56
N VAL B 231 31.61 13.85 0.24
CA VAL B 231 32.51 13.66 -0.89
C VAL B 231 33.30 12.36 -0.77
N SER B 232 33.77 12.03 0.43
CA SER B 232 34.42 10.75 0.63
C SER B 232 33.44 9.59 0.42
N PHE B 233 32.20 9.73 0.92
CA PHE B 233 31.22 8.65 0.77
C PHE B 233 30.88 8.41 -0.68
N ASN B 234 30.71 9.48 -1.45
CA ASN B 234 30.30 9.29 -2.84
C ASN B 234 31.43 8.68 -3.67
N GLU B 235 32.69 8.89 -3.29
CA GLU B 235 33.78 8.15 -3.93
C GLU B 235 33.65 6.66 -3.61
N TRP B 236 33.56 6.32 -2.33
CA TRP B 236 33.38 4.93 -1.94
C TRP B 236 32.15 4.30 -2.59
N ALA B 237 31.11 5.11 -2.84
CA ALA B 237 29.85 4.56 -3.33
C ALA B 237 29.96 4.10 -4.78
N LEU B 238 30.70 4.86 -5.61
CA LEU B 238 30.84 4.52 -7.02
C LEU B 238 31.35 3.10 -7.21
N ALA B 239 32.23 2.65 -6.34
CA ALA B 239 32.77 1.31 -6.45
C ALA B 239 31.99 0.27 -5.67
N ASN B 240 30.90 0.64 -4.98
CA ASN B 240 30.22 -0.34 -4.14
C ASN B 240 28.73 -0.46 -4.41
N GLN B 241 28.26 -0.12 -5.60
CA GLN B 241 26.85 -0.30 -5.95
C GLN B 241 25.95 0.56 -5.06
N PHE B 242 26.29 1.85 -4.97
CA PHE B 242 25.59 2.82 -4.16
C PHE B 242 25.46 4.10 -4.97
N THR B 243 24.34 4.80 -4.80
CA THR B 243 24.11 6.05 -5.52
C THR B 243 24.79 7.22 -4.83
N GLU B 244 25.02 8.28 -5.59
CA GLU B 244 25.50 9.52 -4.99
C GLU B 244 24.53 9.97 -3.89
N PHE B 245 25.06 10.24 -2.70
CA PHE B 245 24.23 10.81 -1.65
C PHE B 245 24.05 12.30 -1.90
N VAL B 246 22.80 12.73 -2.03
CA VAL B 246 22.46 14.13 -2.24
C VAL B 246 21.52 14.55 -1.12
N GLY B 247 21.96 15.51 -0.30
CA GLY B 247 21.19 15.93 0.84
C GLY B 247 20.03 16.81 0.47
N THR B 248 19.06 16.86 1.37
CA THR B 248 17.83 17.62 1.22
C THR B 248 17.42 18.15 2.58
N GLN B 249 16.39 19.00 2.56
CA GLN B 249 15.89 19.56 3.81
C GLN B 249 15.15 18.51 4.64
N SER B 250 14.60 17.47 4.00
CA SER B 250 14.00 16.38 4.76
C SER B 250 15.03 15.65 5.59
N VAL B 251 16.12 15.23 4.95
CA VAL B 251 17.23 14.62 5.67
C VAL B 251 17.70 15.55 6.78
N ASP B 252 17.83 16.84 6.48
CA ASP B 252 18.38 17.76 7.48
C ASP B 252 17.50 17.82 8.73
N MET B 253 16.17 17.79 8.55
CA MET B 253 15.26 17.78 9.69
C MET B 253 15.49 16.58 10.59
N LEU B 254 15.68 15.40 10.00
CA LEU B 254 15.93 14.22 10.82
C LEU B 254 17.27 14.32 11.55
N ALA B 255 18.28 14.95 10.91
CA ALA B 255 19.55 15.13 11.59
C ALA B 255 19.37 16.00 12.84
N VAL B 256 18.63 17.10 12.71
CA VAL B 256 18.39 17.99 13.86
C VAL B 256 17.57 17.28 14.93
N LYS B 257 16.51 16.57 14.54
CA LYS B 257 15.67 15.90 15.54
C LYS B 257 16.46 14.87 16.33
N THR B 258 17.15 13.97 15.64
CA THR B 258 17.88 12.96 16.40
C THR B 258 19.19 13.47 16.97
N GLY B 259 19.71 14.58 16.45
CA GLY B 259 21.02 15.00 16.89
C GLY B 259 22.15 14.10 16.43
N VAL B 260 21.98 13.41 15.31
CA VAL B 260 23.00 12.54 14.73
C VAL B 260 23.28 13.02 13.32
N ALA B 261 24.56 13.24 13.02
CA ALA B 261 24.91 13.89 11.77
C ALA B 261 24.83 12.92 10.58
N ILE B 262 24.56 13.49 9.39
CA ILE B 262 24.58 12.71 8.16
C ILE B 262 25.87 11.91 8.05
N GLU B 263 27.00 12.59 8.28
CA GLU B 263 28.31 11.95 8.14
C GLU B 263 28.48 10.75 9.07
N GLN B 264 27.81 10.74 10.23
CA GLN B 264 27.85 9.55 11.08
C GLN B 264 27.11 8.38 10.42
N LEU B 265 25.98 8.66 9.78
CA LEU B 265 25.24 7.58 9.12
C LEU B 265 25.95 7.11 7.86
N LEU B 266 26.59 8.02 7.13
CA LEU B 266 27.33 7.59 5.95
C LEU B 266 28.46 6.63 6.35
N TYR B 267 29.05 6.84 7.52
CA TYR B 267 30.05 5.93 8.02
C TYR B 267 29.42 4.58 8.38
N ALA B 268 28.29 4.61 9.09
CA ALA B 268 27.64 3.36 9.48
C ALA B 268 27.23 2.54 8.27
N ILE B 269 26.66 3.18 7.25
CA ILE B 269 26.31 2.49 6.01
C ILE B 269 27.51 1.74 5.47
N GLN B 270 28.69 2.34 5.58
CA GLN B 270 29.91 1.69 5.11
C GLN B 270 30.27 0.46 5.92
N GLN B 271 29.96 0.45 7.22
CA GLN B 271 30.24 -0.72 8.04
C GLN B 271 29.11 -1.75 7.96
N LEU B 272 27.85 -1.29 7.90
CA LEU B 272 26.74 -2.23 7.87
C LEU B 272 26.65 -2.94 6.53
N TYR B 273 27.15 -2.33 5.46
CA TYR B 273 27.10 -2.94 4.14
C TYR B 273 27.86 -4.27 4.09
N THR B 274 28.98 -4.35 4.81
CA THR B 274 29.75 -5.59 4.90
C THR B 274 29.04 -6.69 5.71
N GLY B 275 27.87 -6.39 6.27
CA GLY B 275 27.15 -7.35 7.07
C GLY B 275 26.85 -6.81 8.45
N PHE B 276 25.65 -7.11 8.96
CA PHE B 276 25.18 -6.66 10.27
C PHE B 276 25.80 -7.41 11.44
N GLN B 277 26.70 -8.36 11.17
CA GLN B 277 27.31 -9.23 12.18
C GLN B 277 26.25 -9.86 13.08
N GLY B 278 25.10 -10.18 12.51
CA GLY B 278 24.02 -10.82 13.26
C GLY B 278 23.26 -9.93 14.23
N LYS B 279 23.17 -8.63 13.96
CA LYS B 279 22.27 -7.79 14.73
C LYS B 279 21.13 -7.34 13.82
N GLN B 280 20.20 -6.57 14.38
CA GLN B 280 18.92 -6.32 13.71
C GLN B 280 18.56 -4.84 13.78
N ILE B 281 18.18 -4.24 12.65
CA ILE B 281 17.75 -2.84 12.61
C ILE B 281 16.29 -2.80 12.18
N LEU B 282 15.41 -2.38 13.09
CA LEU B 282 13.98 -2.24 12.78
C LEU B 282 13.39 -3.54 12.25
N GLY B 283 13.94 -4.68 12.67
CA GLY B 283 13.45 -5.97 12.27
C GLY B 283 14.10 -6.53 11.02
N SER B 284 15.26 -6.03 10.62
CA SER B 284 15.82 -6.40 9.34
C SER B 284 17.32 -6.60 9.49
N THR B 285 17.87 -7.43 8.61
CA THR B 285 19.29 -7.78 8.60
C THR B 285 19.96 -7.36 7.31
N MET B 286 19.32 -6.50 6.52
CA MET B 286 19.87 -5.94 5.29
C MET B 286 19.46 -4.47 5.23
N LEU B 287 20.24 -3.67 4.49
CA LEU B 287 19.89 -2.27 4.36
C LEU B 287 18.58 -2.14 3.60
N GLU B 288 17.73 -1.21 4.04
CA GLU B 288 16.43 -0.93 3.43
C GLU B 288 16.46 0.44 2.75
N ASP B 289 16.09 0.50 1.46
CA ASP B 289 16.15 1.77 0.71
C ASP B 289 14.82 2.11 0.04
N GLU B 290 13.71 1.62 0.57
CA GLU B 290 12.42 1.89 -0.03
C GLU B 290 11.62 2.97 0.70
N PHE B 291 12.16 3.54 1.77
CA PHE B 291 11.54 4.65 2.48
C PHE B 291 12.32 5.92 2.24
N THR B 292 11.69 6.90 1.65
CA THR B 292 12.31 8.18 1.42
C THR B 292 12.33 8.99 2.71
N PRO B 293 13.21 10.00 2.77
CA PRO B 293 13.21 10.88 3.95
C PRO B 293 11.86 11.52 4.22
N GLU B 294 11.15 11.90 3.15
CA GLU B 294 9.82 12.46 3.29
C GLU B 294 8.87 11.47 3.96
N ASP B 295 9.01 10.17 3.66
CA ASP B 295 8.19 9.15 4.29
C ASP B 295 8.45 9.08 5.78
N VAL B 296 9.72 9.06 6.18
CA VAL B 296 10.06 8.97 7.60
C VAL B 296 9.53 10.20 8.33
N ASN B 297 9.69 11.37 7.73
CA ASN B 297 9.14 12.58 8.33
C ASN B 297 7.63 12.51 8.47
N MET B 298 6.93 12.00 7.46
CA MET B 298 5.47 11.93 7.53
C MET B 298 5.01 10.95 8.61
N GLN B 299 5.61 9.77 8.65
CA GLN B 299 5.14 8.68 9.48
C GLN B 299 5.65 8.78 10.92
N ILE B 300 6.94 9.03 11.11
CA ILE B 300 7.43 9.18 12.47
C ILE B 300 7.22 10.60 13.01
N MET B 301 7.01 11.57 12.12
CA MET B 301 7.01 13.00 12.45
C MET B 301 8.25 13.38 13.25
#